data_6A41
#
_entry.id   6A41
#
_cell.length_a   67.895
_cell.length_b   113.570
_cell.length_c   141.926
_cell.angle_alpha   90.00
_cell.angle_beta   90.00
_cell.angle_gamma   90.00
#
_symmetry.space_group_name_H-M   'F 2 2 2'
#
loop_
_entity.id
_entity.type
_entity.pdbx_description
1 polymer dehalogenase
2 water water
#
_entity_poly.entity_id   1
_entity_poly.type   'polypeptide(L)'
_entity_poly.pdbx_seq_one_letter_code
;(MSE)LLKDRVILITNVEKFAGHGTTRIALAQGATVLAHDPSFDTPSARHKYESQFPGAHALSAVEPAA(MSE)VELALK
RHGHIDALVNNDAYPALKAPLGEARIEDFRDALEV(MSE)AVAPFRLTQLVAPS(MSE)RKRKSGRIVFVSSAAPLRGIA
NYAPYVSARAAGNGLVSSLAKELGRDSITVNAVGSNYVENPDYFPPALLANREA(MSE)AK(MSE)TAQIPLGRLGKSDE
LGATICFLCSDGAGFITGHVLPHAGGWA
;
_entity_poly.pdbx_strand_id   A
#
# COMPACT_ATOMS: atom_id res chain seq x y z
N MSE A 1 -12.44 -13.91 -13.18
CA MSE A 1 -12.15 -13.55 -11.78
C MSE A 1 -10.66 -13.75 -11.51
O MSE A 1 -10.32 -14.80 -11.03
CB MSE A 1 -13.11 -14.45 -10.96
CG MSE A 1 -14.60 -14.22 -11.28
SE MSE A 1 -14.97 -12.33 -10.68
CE MSE A 1 -16.56 -12.69 -9.48
N LEU A 2 -9.80 -12.75 -11.75
CA LEU A 2 -8.31 -12.92 -11.59
C LEU A 2 -7.85 -13.25 -10.17
N LEU A 3 -8.62 -12.91 -9.16
CA LEU A 3 -8.17 -13.16 -7.76
C LEU A 3 -9.26 -14.09 -7.09
N LYS A 4 -9.93 -14.89 -7.92
CA LYS A 4 -10.93 -15.87 -7.44
C LYS A 4 -10.21 -16.68 -6.29
N ASP A 5 -10.84 -16.76 -5.16
CA ASP A 5 -10.44 -17.62 -4.03
C ASP A 5 -9.08 -17.14 -3.47
N ARG A 6 -8.73 -15.84 -3.61
CA ARG A 6 -7.49 -15.37 -2.96
C ARG A 6 -7.89 -14.53 -1.78
N VAL A 7 -7.26 -14.76 -0.64
CA VAL A 7 -7.48 -13.99 0.59
C VAL A 7 -6.40 -12.88 0.61
N ILE A 8 -6.88 -11.63 0.55
CA ILE A 8 -5.99 -10.47 0.49
C ILE A 8 -6.18 -9.65 1.77
N LEU A 9 -5.11 -9.39 2.51
CA LEU A 9 -5.21 -8.54 3.68
C LEU A 9 -4.67 -7.17 3.31
N ILE A 10 -5.44 -6.11 3.46
CA ILE A 10 -5.01 -4.79 3.12
C ILE A 10 -4.91 -4.00 4.47
N THR A 11 -3.79 -3.40 4.74
CA THR A 11 -3.61 -2.60 5.92
C THR A 11 -4.02 -1.15 5.71
N ASN A 12 -4.23 -0.46 6.82
CA ASN A 12 -4.58 0.97 6.86
C ASN A 12 -5.54 1.34 5.77
N VAL A 13 -6.63 0.57 5.68
CA VAL A 13 -7.47 0.64 4.49
C VAL A 13 -8.18 1.96 4.24
N GLU A 14 -8.31 2.76 5.29
CA GLU A 14 -8.83 4.08 5.14
C GLU A 14 -7.86 5.06 4.59
N LYS A 15 -6.61 4.72 4.40
CA LYS A 15 -5.63 5.64 3.81
C LYS A 15 -5.27 5.19 2.41
N PHE A 16 -4.69 6.12 1.72
CA PHE A 16 -3.87 5.88 0.49
C PHE A 16 -4.59 4.92 -0.50
N ALA A 17 -4.09 3.72 -0.75
CA ALA A 17 -4.63 2.89 -1.82
C ALA A 17 -5.69 1.90 -1.32
N GLY A 18 -6.12 2.04 -0.07
CA GLY A 18 -7.04 1.01 0.53
C GLY A 18 -8.37 0.79 -0.20
N HIS A 19 -9.07 1.87 -0.46
CA HIS A 19 -10.35 1.77 -1.09
C HIS A 19 -10.27 1.29 -2.50
N GLY A 20 -9.34 1.87 -3.28
CA GLY A 20 -9.15 1.41 -4.73
C GLY A 20 -8.85 -0.07 -4.72
N THR A 21 -7.92 -0.51 -3.84
CA THR A 21 -7.54 -1.86 -3.85
C THR A 21 -8.74 -2.75 -3.41
N THR A 22 -9.47 -2.36 -2.37
CA THR A 22 -10.61 -3.18 -1.92
C THR A 22 -11.59 -3.42 -3.06
N ARG A 23 -11.91 -2.29 -3.68
CA ARG A 23 -12.90 -2.22 -4.77
C ARG A 23 -12.56 -3.15 -5.96
N ILE A 24 -11.35 -3.02 -6.44
CA ILE A 24 -10.91 -3.89 -7.55
C ILE A 24 -10.74 -5.34 -7.12
N ALA A 25 -10.16 -5.60 -5.94
CA ALA A 25 -9.94 -6.98 -5.50
C ALA A 25 -11.31 -7.70 -5.45
N LEU A 26 -12.34 -7.01 -4.93
CA LEU A 26 -13.68 -7.63 -4.80
C LEU A 26 -14.27 -7.89 -6.18
N ALA A 27 -14.06 -6.97 -7.11
CA ALA A 27 -14.57 -7.08 -8.49
C ALA A 27 -13.85 -8.21 -9.18
N GLN A 28 -12.62 -8.50 -8.78
CA GLN A 28 -11.85 -9.61 -9.38
C GLN A 28 -12.02 -10.90 -8.58
N GLY A 29 -12.97 -10.94 -7.64
CA GLY A 29 -13.28 -12.16 -6.96
C GLY A 29 -12.59 -12.46 -5.64
N ALA A 30 -11.70 -11.55 -5.16
CA ALA A 30 -11.03 -11.82 -3.91
C ALA A 30 -11.90 -11.84 -2.66
N THR A 31 -11.39 -12.51 -1.63
CA THR A 31 -11.86 -12.34 -0.23
C THR A 31 -10.92 -11.28 0.41
N VAL A 32 -11.47 -10.16 0.80
CA VAL A 32 -10.71 -9.09 1.32
C VAL A 32 -10.92 -9.01 2.84
N LEU A 33 -9.81 -8.96 3.55
CA LEU A 33 -9.69 -8.69 4.94
C LEU A 33 -8.99 -7.34 5.12
N ALA A 34 -9.52 -6.49 5.95
CA ALA A 34 -9.01 -5.13 6.03
C ALA A 34 -8.71 -4.80 7.47
N HIS A 35 -7.54 -4.23 7.68
CA HIS A 35 -7.13 -3.58 8.93
C HIS A 35 -7.25 -2.04 8.80
N ASP A 36 -7.59 -1.40 9.90
CA ASP A 36 -7.44 0.03 10.01
C ASP A 36 -7.38 0.39 11.51
N PRO A 37 -6.61 1.42 11.89
CA PRO A 37 -6.68 1.86 13.27
C PRO A 37 -8.03 2.25 13.74
N SER A 38 -8.94 2.61 12.87
CA SER A 38 -10.28 2.96 13.28
C SER A 38 -11.20 1.78 13.53
N PHE A 39 -10.81 0.60 13.07
CA PHE A 39 -11.63 -0.58 13.15
C PHE A 39 -11.79 -1.23 14.57
N ASP A 40 -11.19 -0.69 15.63
CA ASP A 40 -11.66 -1.02 16.99
C ASP A 40 -13.07 -0.49 17.23
N THR A 41 -13.53 0.41 16.39
CA THR A 41 -14.86 0.97 16.51
C THR A 41 -15.89 0.30 15.57
N PRO A 42 -16.99 -0.26 16.14
CA PRO A 42 -18.01 -0.91 15.34
C PRO A 42 -18.54 -0.03 14.23
N SER A 43 -18.81 1.23 14.47
CA SER A 43 -19.36 2.01 13.37
C SER A 43 -18.42 2.20 12.15
N ALA A 44 -17.13 2.32 12.41
CA ALA A 44 -16.17 2.38 11.33
C ALA A 44 -16.13 1.09 10.55
N ARG A 45 -16.11 -0.04 11.25
CA ARG A 45 -16.23 -1.37 10.58
C ARG A 45 -17.47 -1.50 9.73
N HIS A 46 -18.60 -1.05 10.27
CA HIS A 46 -19.88 -1.09 9.58
C HIS A 46 -19.92 -0.21 8.32
N LYS A 47 -19.40 0.96 8.40
CA LYS A 47 -19.29 1.87 7.26
C LYS A 47 -18.38 1.26 6.14
N TYR A 48 -17.24 0.66 6.52
CA TYR A 48 -16.37 0.03 5.46
C TYR A 48 -17.12 -1.13 4.76
N GLU A 49 -17.70 -2.00 5.56
CA GLU A 49 -18.36 -3.18 5.12
C GLU A 49 -19.63 -2.81 4.31
N SER A 50 -20.30 -1.75 4.64
CA SER A 50 -21.46 -1.40 3.87
C SER A 50 -21.05 -0.76 2.51
N GLN A 51 -19.94 -0.04 2.48
CA GLN A 51 -19.38 0.51 1.22
C GLN A 51 -18.78 -0.58 0.33
N PHE A 52 -18.21 -1.64 0.92
CA PHE A 52 -17.54 -2.69 0.17
C PHE A 52 -18.04 -4.07 0.59
N PRO A 53 -19.28 -4.43 0.26
CA PRO A 53 -19.88 -5.67 0.69
C PRO A 53 -19.06 -6.84 0.18
N GLY A 54 -18.81 -7.78 1.10
CA GLY A 54 -17.96 -8.91 0.91
C GLY A 54 -16.63 -8.68 1.54
N ALA A 55 -16.15 -7.44 1.78
CA ALA A 55 -14.90 -7.18 2.51
C ALA A 55 -15.18 -7.31 4.03
N HIS A 56 -14.22 -7.83 4.79
CA HIS A 56 -14.35 -8.01 6.26
C HIS A 56 -13.40 -7.00 6.99
N ALA A 57 -13.97 -6.18 7.83
CA ALA A 57 -13.19 -5.25 8.67
C ALA A 57 -12.76 -6.00 9.96
N LEU A 58 -11.45 -6.10 10.21
CA LEU A 58 -10.96 -6.81 11.38
C LEU A 58 -11.01 -5.90 12.60
N SER A 59 -11.46 -6.44 13.70
CA SER A 59 -11.72 -5.60 14.87
C SER A 59 -10.43 -5.42 15.71
N ALA A 60 -9.38 -6.18 15.45
CA ALA A 60 -8.07 -5.97 16.15
C ALA A 60 -7.23 -5.04 15.36
N VAL A 61 -6.61 -4.11 16.09
CA VAL A 61 -5.88 -3.02 15.44
C VAL A 61 -4.39 -3.10 15.65
N GLU A 62 -3.92 -3.74 16.71
CA GLU A 62 -2.48 -3.91 16.92
C GLU A 62 -1.93 -5.06 16.09
N PRO A 63 -0.67 -4.92 15.59
CA PRO A 63 -0.12 -5.85 14.59
C PRO A 63 -0.21 -7.34 14.86
N ALA A 64 0.38 -7.79 15.93
CA ALA A 64 0.33 -9.21 16.24
C ALA A 64 -1.13 -9.73 16.42
N ALA A 65 -1.97 -9.02 17.16
CA ALA A 65 -3.36 -9.46 17.35
C ALA A 65 -4.11 -9.42 16.02
N MSE A 66 -3.83 -8.36 15.23
CA MSE A 66 -4.57 -8.17 13.93
C MSE A 66 -4.23 -9.32 13.00
O MSE A 66 -5.11 -9.90 12.41
CB MSE A 66 -4.28 -6.83 13.32
CG MSE A 66 -5.09 -6.55 12.05
SE MSE A 66 -4.17 -7.41 10.47
CE MSE A 66 -2.65 -6.08 10.54
N VAL A 67 -2.97 -9.72 12.96
CA VAL A 67 -2.54 -10.87 12.09
C VAL A 67 -3.10 -12.18 12.54
N GLU A 68 -3.08 -12.41 13.85
CA GLU A 68 -3.62 -13.65 14.36
C GLU A 68 -5.12 -13.78 14.03
N LEU A 69 -5.86 -12.68 14.19
CA LEU A 69 -7.23 -12.62 13.81
C LEU A 69 -7.48 -12.82 12.30
N ALA A 70 -6.68 -12.16 11.48
CA ALA A 70 -6.79 -12.26 9.98
C ALA A 70 -6.60 -13.70 9.65
N LEU A 71 -5.60 -14.34 10.23
CA LEU A 71 -5.29 -15.74 9.91
C LEU A 71 -6.37 -16.70 10.35
N LYS A 72 -6.91 -16.51 11.54
CA LYS A 72 -8.09 -17.25 11.98
C LYS A 72 -9.32 -17.19 11.06
N ARG A 73 -9.52 -16.11 10.34
CA ARG A 73 -10.75 -15.96 9.58
C ARG A 73 -10.90 -17.10 8.58
N HIS A 74 -9.91 -17.34 7.71
CA HIS A 74 -9.91 -18.39 6.70
C HIS A 74 -8.85 -19.40 6.79
N GLY A 75 -7.94 -19.17 7.69
CA GLY A 75 -6.83 -20.14 7.89
C GLY A 75 -5.60 -19.66 7.22
N HIS A 76 -5.67 -18.71 6.24
CA HIS A 76 -4.47 -18.30 5.54
C HIS A 76 -4.65 -16.96 4.95
N ILE A 77 -3.55 -16.39 4.53
CA ILE A 77 -3.49 -15.12 3.75
C ILE A 77 -2.67 -15.34 2.44
N ASP A 78 -3.28 -15.09 1.29
CA ASP A 78 -2.57 -15.27 0.04
C ASP A 78 -1.71 -14.05 -0.30
N ALA A 79 -2.19 -12.84 0.02
CA ALA A 79 -1.46 -11.63 -0.24
C ALA A 79 -1.58 -10.60 0.87
N LEU A 80 -0.45 -10.01 1.22
CA LEU A 80 -0.41 -8.88 2.12
C LEU A 80 -0.22 -7.62 1.31
N VAL A 81 -1.11 -6.66 1.44
CA VAL A 81 -0.89 -5.37 0.83
C VAL A 81 -0.54 -4.40 1.92
N ASN A 82 0.74 -4.03 2.01
CA ASN A 82 1.19 -3.15 3.06
C ASN A 82 0.94 -1.72 2.52
N ASN A 83 -0.17 -1.10 2.91
CA ASN A 83 -0.65 0.17 2.49
C ASN A 83 -0.32 1.20 3.58
N ASP A 84 0.85 1.82 3.42
CA ASP A 84 1.48 2.64 4.44
C ASP A 84 1.61 4.07 3.93
N ALA A 85 1.24 5.02 4.79
CA ALA A 85 1.23 6.44 4.45
C ALA A 85 1.39 7.34 5.67
N TYR A 86 2.45 8.15 5.62
CA TYR A 86 2.74 9.24 6.56
C TYR A 86 2.76 10.56 5.75
N PRO A 87 2.37 11.70 6.34
CA PRO A 87 2.29 12.93 5.54
C PRO A 87 3.63 13.33 4.93
N ALA A 88 3.59 13.85 3.70
CA ALA A 88 4.76 14.38 3.10
C ALA A 88 4.85 15.82 3.66
N LEU A 89 5.63 16.03 4.71
CA LEU A 89 5.80 17.37 5.26
C LEU A 89 6.81 18.18 4.54
N LYS A 90 6.44 19.43 4.24
CA LYS A 90 7.40 20.36 3.61
C LYS A 90 8.41 20.57 4.68
N ALA A 91 9.66 20.24 4.39
CA ALA A 91 10.72 20.21 5.38
C ALA A 91 12.07 20.56 4.78
N PRO A 92 12.23 21.83 4.34
CA PRO A 92 13.63 22.25 3.97
C PRO A 92 14.64 21.95 5.08
N LEU A 93 15.91 21.68 4.71
CA LEU A 93 16.98 21.45 5.71
C LEU A 93 16.86 22.28 6.95
N GLY A 94 16.68 23.57 6.77
CA GLY A 94 16.66 24.54 7.86
C GLY A 94 15.48 24.45 8.75
N GLU A 95 14.39 23.81 8.35
CA GLU A 95 13.22 23.69 9.21
C GLU A 95 12.87 22.23 9.58
N ALA A 96 13.50 21.23 8.96
CA ALA A 96 13.06 19.87 9.09
C ALA A 96 13.27 19.47 10.55
N ARG A 97 12.31 18.71 11.09
CA ARG A 97 12.46 18.21 12.46
C ARG A 97 12.86 16.75 12.40
N ILE A 98 13.91 16.47 13.14
CA ILE A 98 14.46 15.13 13.15
C ILE A 98 13.44 14.13 13.63
N GLU A 99 12.69 14.49 14.70
CA GLU A 99 11.59 13.59 15.22
C GLU A 99 10.55 13.23 14.12
N ASP A 100 10.21 14.15 13.22
CA ASP A 100 9.30 13.83 12.09
C ASP A 100 9.99 12.85 11.12
N PHE A 101 11.27 13.00 10.88
CA PHE A 101 12.02 12.04 10.02
C PHE A 101 11.95 10.60 10.61
N ARG A 102 12.19 10.48 11.92
CA ARG A 102 12.05 9.24 12.57
C ARG A 102 10.64 8.63 12.51
N ASP A 103 9.61 9.47 12.77
CA ASP A 103 8.22 9.07 12.62
C ASP A 103 7.87 8.59 11.18
N ALA A 104 8.36 9.30 10.14
CA ALA A 104 8.17 8.87 8.76
C ALA A 104 8.77 7.55 8.50
N LEU A 105 9.97 7.34 9.02
CA LEU A 105 10.61 6.04 8.85
C LEU A 105 9.86 4.99 9.60
N GLU A 106 9.37 5.34 10.77
CA GLU A 106 8.60 4.32 11.54
C GLU A 106 7.38 3.80 10.77
N VAL A 107 6.62 4.77 10.22
CA VAL A 107 5.38 4.44 9.54
C VAL A 107 5.60 3.74 8.18
N MSE A 108 6.66 4.10 7.43
CA MSE A 108 6.78 3.75 6.07
C MSE A 108 7.82 2.64 5.86
O MSE A 108 7.86 2.08 4.77
CB MSE A 108 7.00 4.96 5.08
CG MSE A 108 5.70 5.79 5.16
SE MSE A 108 5.66 7.29 3.94
CE MSE A 108 7.16 8.35 4.71
N ALA A 109 8.67 2.35 6.84
CA ALA A 109 9.62 1.33 6.67
C ALA A 109 9.56 0.30 7.82
N VAL A 110 9.60 0.78 9.06
CA VAL A 110 9.66 -0.19 10.19
C VAL A 110 8.33 -0.92 10.35
N ALA A 111 7.19 -0.21 10.32
CA ALA A 111 5.87 -0.84 10.47
C ALA A 111 5.53 -1.93 9.40
N PRO A 112 5.78 -1.68 8.10
CA PRO A 112 5.53 -2.70 7.09
C PRO A 112 6.52 -3.84 7.22
N PHE A 113 7.74 -3.55 7.71
CA PHE A 113 8.67 -4.66 7.93
C PHE A 113 8.12 -5.57 9.05
N ARG A 114 7.64 -4.97 10.11
CA ARG A 114 7.03 -5.72 11.18
C ARG A 114 5.86 -6.58 10.73
N LEU A 115 4.96 -5.99 9.94
CA LEU A 115 3.83 -6.73 9.44
C LEU A 115 4.28 -7.88 8.56
N THR A 116 5.32 -7.68 7.76
CA THR A 116 5.86 -8.76 6.94
C THR A 116 6.43 -9.90 7.79
N GLN A 117 7.10 -9.57 8.90
CA GLN A 117 7.64 -10.57 9.82
C GLN A 117 6.53 -11.45 10.45
N LEU A 118 5.43 -10.81 10.77
CA LEU A 118 4.21 -11.46 11.27
C LEU A 118 3.48 -12.32 10.25
N VAL A 119 3.43 -11.92 8.98
CA VAL A 119 2.60 -12.67 7.97
C VAL A 119 3.39 -13.74 7.23
N ALA A 120 4.64 -13.42 6.90
CA ALA A 120 5.52 -14.32 6.14
C ALA A 120 5.61 -15.81 6.62
N PRO A 121 5.66 -16.06 7.93
CA PRO A 121 5.82 -17.43 8.34
C PRO A 121 4.66 -18.36 7.89
N SER A 122 3.45 -17.84 7.89
CA SER A 122 2.29 -18.62 7.42
C SER A 122 2.35 -18.94 5.93
N MSE A 123 2.91 -18.03 5.16
CA MSE A 123 3.10 -18.20 3.70
C MSE A 123 4.15 -19.21 3.43
O MSE A 123 4.02 -20.00 2.48
CB MSE A 123 3.48 -16.89 3.02
CG MSE A 123 2.41 -15.85 3.29
SE MSE A 123 2.88 -14.19 2.31
CE MSE A 123 1.11 -13.39 2.25
N ARG A 124 5.23 -19.20 4.23
CA ARG A 124 6.32 -20.09 3.96
C ARG A 124 5.89 -21.58 4.08
N LYS A 125 5.07 -21.81 5.09
CA LYS A 125 4.59 -23.12 5.39
C LYS A 125 3.77 -23.56 4.20
N ARG A 126 2.96 -22.64 3.60
CA ARG A 126 2.20 -22.92 2.29
C ARG A 126 3.00 -22.98 0.96
N LYS A 127 4.22 -22.44 0.92
CA LYS A 127 4.98 -22.24 -0.28
C LYS A 127 4.20 -21.41 -1.33
N SER A 128 3.52 -20.39 -0.86
CA SER A 128 2.89 -19.45 -1.84
C SER A 128 2.56 -18.19 -1.08
N GLY A 129 2.63 -17.05 -1.78
CA GLY A 129 2.24 -15.84 -1.23
C GLY A 129 2.65 -14.65 -2.09
N ARG A 130 2.16 -13.51 -1.66
CA ARG A 130 2.43 -12.28 -2.33
C ARG A 130 2.56 -11.19 -1.26
N ILE A 131 3.59 -10.41 -1.30
CA ILE A 131 3.66 -9.25 -0.43
C ILE A 131 3.81 -7.97 -1.31
N VAL A 132 2.91 -7.02 -1.22
CA VAL A 132 2.98 -5.78 -2.03
C VAL A 132 3.07 -4.59 -1.10
N PHE A 133 4.16 -3.83 -1.20
CA PHE A 133 4.27 -2.59 -0.51
C PHE A 133 3.61 -1.52 -1.32
N VAL A 134 2.68 -0.79 -0.78
CA VAL A 134 2.17 0.38 -1.54
C VAL A 134 3.03 1.56 -1.13
N SER A 135 3.79 2.07 -2.11
CA SER A 135 4.88 3.02 -1.80
C SER A 135 4.81 4.24 -2.76
N SER A 136 5.92 4.93 -2.95
CA SER A 136 5.98 6.14 -3.70
C SER A 136 6.96 6.11 -4.81
N ALA A 137 6.64 6.72 -5.95
CA ALA A 137 7.63 6.95 -7.00
C ALA A 137 8.65 8.09 -6.64
N ALA A 138 8.37 8.86 -5.59
CA ALA A 138 9.15 10.02 -5.37
C ALA A 138 10.68 9.76 -5.32
N PRO A 139 11.15 8.67 -4.66
CA PRO A 139 12.60 8.42 -4.65
C PRO A 139 13.22 8.23 -6.00
N LEU A 140 12.40 7.90 -7.01
CA LEU A 140 12.97 7.69 -8.37
C LEU A 140 13.37 9.01 -9.04
N ARG A 141 12.89 10.11 -8.56
CA ARG A 141 13.25 11.44 -9.07
C ARG A 141 13.81 12.41 -8.04
N GLY A 142 13.35 12.32 -6.77
CA GLY A 142 13.72 13.27 -5.77
C GLY A 142 12.84 14.51 -5.81
N ILE A 143 12.67 15.08 -4.63
CA ILE A 143 11.79 16.24 -4.50
C ILE A 143 12.46 17.22 -3.53
N ALA A 144 12.74 18.43 -4.01
CA ALA A 144 13.33 19.48 -3.15
C ALA A 144 12.36 19.78 -2.00
N ASN A 145 12.93 19.97 -0.81
CA ASN A 145 12.15 20.33 0.39
C ASN A 145 11.28 19.21 0.98
N TYR A 146 11.41 17.98 0.49
CA TYR A 146 10.69 16.91 1.07
C TYR A 146 11.61 15.72 1.33
N ALA A 147 12.90 15.98 1.53
CA ALA A 147 13.80 14.89 1.54
C ALA A 147 13.55 13.86 2.63
N PRO A 148 13.14 14.30 3.83
CA PRO A 148 12.76 13.24 4.84
C PRO A 148 11.66 12.28 4.38
N TYR A 149 10.62 12.81 3.80
CA TYR A 149 9.57 11.99 3.23
C TYR A 149 10.14 11.03 2.14
N VAL A 150 10.94 11.55 1.24
CA VAL A 150 11.41 10.78 0.10
C VAL A 150 12.33 9.66 0.60
N SER A 151 13.17 10.03 1.55
CA SER A 151 14.11 9.12 2.13
C SER A 151 13.38 7.96 2.82
N ALA A 152 12.32 8.25 3.55
CA ALA A 152 11.59 7.19 4.22
C ALA A 152 10.89 6.30 3.20
N ARG A 153 10.36 6.84 2.09
CA ARG A 153 9.79 6.01 1.00
C ARG A 153 10.90 5.19 0.38
N ALA A 154 12.08 5.80 0.21
CA ALA A 154 13.22 5.00 -0.30
C ALA A 154 13.54 3.79 0.64
N ALA A 155 13.44 3.99 1.95
CA ALA A 155 13.70 2.90 2.92
C ALA A 155 12.71 1.78 2.70
N GLY A 156 11.48 2.17 2.46
CA GLY A 156 10.42 1.21 2.17
C GLY A 156 10.75 0.42 0.92
N ASN A 157 10.98 1.15 -0.17
CA ASN A 157 11.32 0.52 -1.43
C ASN A 157 12.55 -0.39 -1.27
N GLY A 158 13.46 0.03 -0.44
CA GLY A 158 14.72 -0.67 -0.16
C GLY A 158 14.60 -1.98 0.66
N LEU A 159 13.42 -2.31 1.16
CA LEU A 159 13.19 -3.69 1.66
C LEU A 159 12.95 -4.77 0.57
N VAL A 160 12.51 -4.33 -0.61
CA VAL A 160 11.84 -5.17 -1.54
C VAL A 160 12.74 -6.20 -2.16
N SER A 161 13.88 -5.79 -2.74
CA SER A 161 14.67 -6.78 -3.40
C SER A 161 15.33 -7.79 -2.41
N SER A 162 15.67 -7.31 -1.24
CA SER A 162 16.26 -8.21 -0.15
C SER A 162 15.24 -9.21 0.35
N LEU A 163 14.02 -8.72 0.62
CA LEU A 163 12.99 -9.68 1.02
C LEU A 163 12.60 -10.62 -0.09
N ALA A 164 12.63 -10.12 -1.33
CA ALA A 164 12.33 -11.00 -2.44
C ALA A 164 13.31 -12.16 -2.50
N LYS A 165 14.56 -11.85 -2.31
CA LYS A 165 15.54 -12.89 -2.30
C LYS A 165 15.36 -13.86 -1.17
N GLU A 166 15.01 -13.32 -0.04
CA GLU A 166 14.91 -14.14 1.17
C GLU A 166 13.69 -15.09 1.14
N LEU A 167 12.59 -14.68 0.52
CA LEU A 167 11.37 -15.44 0.46
C LEU A 167 11.11 -16.16 -0.86
N GLY A 168 11.96 -15.92 -1.88
CA GLY A 168 11.71 -16.43 -3.26
C GLY A 168 11.79 -17.93 -3.40
N ARG A 169 12.61 -18.56 -2.59
CA ARG A 169 12.68 -20.00 -2.69
C ARG A 169 11.39 -20.70 -2.18
N ASP A 170 10.64 -20.00 -1.37
CA ASP A 170 9.33 -20.48 -0.94
C ASP A 170 8.17 -20.02 -1.85
N SER A 171 8.55 -19.54 -3.04
CA SER A 171 7.70 -19.05 -4.05
C SER A 171 6.88 -17.81 -3.66
N ILE A 172 7.24 -17.07 -2.67
CA ILE A 172 6.49 -15.92 -2.34
C ILE A 172 7.13 -14.75 -3.07
N THR A 173 6.33 -13.92 -3.72
CA THR A 173 6.93 -12.73 -4.38
C THR A 173 6.79 -11.50 -3.49
N VAL A 174 7.69 -10.57 -3.64
CA VAL A 174 7.72 -9.35 -2.89
C VAL A 174 8.00 -8.22 -3.90
N ASN A 175 7.08 -7.30 -3.94
CA ASN A 175 7.16 -6.13 -4.87
C ASN A 175 6.62 -4.87 -4.16
N ALA A 176 6.84 -3.70 -4.81
CA ALA A 176 6.22 -2.46 -4.36
C ALA A 176 5.61 -1.78 -5.55
N VAL A 177 4.61 -0.96 -5.30
CA VAL A 177 4.08 -0.09 -6.36
C VAL A 177 4.48 1.34 -5.90
N GLY A 178 5.21 2.04 -6.75
CA GLY A 178 5.70 3.36 -6.49
C GLY A 178 4.71 4.35 -7.04
N SER A 179 3.71 4.63 -6.27
CA SER A 179 2.68 5.59 -6.74
C SER A 179 3.12 7.03 -6.70
N ASN A 180 2.56 7.83 -7.61
CA ASN A 180 2.53 9.29 -7.40
C ASN A 180 1.40 9.85 -8.32
N TYR A 181 0.86 11.02 -7.93
CA TYR A 181 -0.19 11.70 -8.64
C TYR A 181 -1.46 10.88 -8.81
N VAL A 182 -1.78 10.00 -7.84
CA VAL A 182 -2.98 9.19 -7.86
C VAL A 182 -3.95 9.79 -6.85
N GLU A 183 -5.17 10.11 -7.31
CA GLU A 183 -6.24 10.61 -6.41
C GLU A 183 -6.29 9.68 -5.22
N ASN A 184 -6.09 10.25 -4.03
CA ASN A 184 -6.12 9.51 -2.82
C ASN A 184 -6.17 10.40 -1.66
N PRO A 185 -6.62 9.87 -0.53
CA PRO A 185 -6.83 10.80 0.56
C PRO A 185 -5.61 11.37 1.23
N ASP A 186 -4.46 10.72 1.12
CA ASP A 186 -3.21 11.12 1.81
C ASP A 186 -2.41 12.19 1.08
N TYR A 187 -2.21 12.00 -0.22
CA TYR A 187 -1.34 12.84 -1.01
C TYR A 187 -2.08 13.69 -2.06
N PHE A 188 -3.26 13.23 -2.58
CA PHE A 188 -3.97 13.96 -3.67
C PHE A 188 -5.45 13.99 -3.31
N PRO A 189 -5.77 14.68 -2.25
CA PRO A 189 -7.13 14.63 -1.75
C PRO A 189 -8.03 15.60 -2.48
N PRO A 190 -9.34 15.54 -2.19
CA PRO A 190 -10.31 16.36 -2.97
C PRO A 190 -10.00 17.79 -2.92
N ALA A 191 -9.48 18.30 -1.81
CA ALA A 191 -9.27 19.76 -1.73
C ALA A 191 -8.23 20.24 -2.77
N LEU A 192 -7.21 19.38 -2.90
CA LEU A 192 -6.16 19.62 -3.88
C LEU A 192 -6.69 19.52 -5.27
N LEU A 193 -7.51 18.51 -5.55
CA LEU A 193 -8.15 18.35 -6.88
C LEU A 193 -9.01 19.55 -7.30
N ALA A 194 -9.55 20.29 -6.34
CA ALA A 194 -10.41 21.40 -6.64
C ALA A 194 -9.59 22.68 -6.79
N ASN A 195 -8.27 22.67 -6.65
CA ASN A 195 -7.44 23.90 -6.75
C ASN A 195 -6.97 23.93 -8.20
N ARG A 196 -7.59 24.78 -9.01
CA ARG A 196 -7.39 24.74 -10.43
C ARG A 196 -5.94 25.01 -10.82
N GLU A 197 -5.34 25.92 -10.06
CA GLU A 197 -4.00 26.35 -10.35
C GLU A 197 -3.00 25.26 -9.96
N ALA A 198 -3.21 24.61 -8.81
CA ALA A 198 -2.40 23.47 -8.41
C ALA A 198 -2.49 22.38 -9.46
N MSE A 199 -3.69 22.10 -9.96
CA MSE A 199 -3.92 21.00 -10.88
C MSE A 199 -3.24 21.32 -12.20
O MSE A 199 -2.69 20.43 -12.83
CB MSE A 199 -5.37 20.82 -11.28
CG MSE A 199 -6.11 20.25 -10.11
SE MSE A 199 -5.68 18.28 -9.96
CE MSE A 199 -6.23 17.63 -11.74
N ALA A 200 -3.34 22.55 -12.66
CA ALA A 200 -2.65 22.93 -13.92
C ALA A 200 -1.13 22.73 -13.80
N LYS A 201 -0.56 23.11 -12.66
CA LYS A 201 0.86 22.93 -12.51
C LYS A 201 1.24 21.45 -12.46
N MSE A 202 0.46 20.67 -11.73
CA MSE A 202 0.73 19.24 -11.57
C MSE A 202 0.64 18.48 -12.90
O MSE A 202 1.60 17.79 -13.32
CB MSE A 202 -0.17 18.62 -10.51
CG MSE A 202 0.24 19.09 -9.13
SE MSE A 202 -0.89 18.03 -7.87
CE MSE A 202 -2.77 18.54 -8.19
N THR A 203 -0.47 18.67 -13.62
CA THR A 203 -0.66 17.90 -14.82
C THR A 203 0.23 18.29 -15.94
N ALA A 204 0.71 19.52 -15.95
CA ALA A 204 1.77 19.91 -16.92
C ALA A 204 3.08 19.15 -16.78
N GLN A 205 3.31 18.52 -15.65
CA GLN A 205 4.56 17.78 -15.39
C GLN A 205 4.40 16.25 -15.34
N ILE A 206 3.20 15.78 -15.71
CA ILE A 206 2.92 14.35 -15.87
C ILE A 206 2.77 14.00 -17.35
N PRO A 207 3.47 12.99 -17.86
CA PRO A 207 3.33 12.73 -19.31
C PRO A 207 1.92 12.40 -19.80
N LEU A 208 1.12 11.75 -18.98
CA LEU A 208 -0.21 11.49 -19.42
C LEU A 208 -1.13 12.68 -19.23
N GLY A 209 -0.67 13.69 -18.58
CA GLY A 209 -1.41 14.99 -18.51
C GLY A 209 -2.63 14.94 -17.62
N ARG A 210 -2.66 14.05 -16.63
CA ARG A 210 -3.82 13.89 -15.75
C ARG A 210 -3.37 13.16 -14.47
N LEU A 211 -4.16 13.24 -13.39
CA LEU A 211 -3.96 12.37 -12.23
C LEU A 211 -4.52 11.01 -12.42
N GLY A 212 -3.98 10.05 -11.69
CA GLY A 212 -4.40 8.72 -11.79
C GLY A 212 -5.57 8.46 -10.89
N LYS A 213 -6.29 7.42 -11.24
CA LYS A 213 -7.45 6.98 -10.51
C LYS A 213 -7.13 5.97 -9.44
N SER A 214 -7.88 6.03 -8.33
CA SER A 214 -7.60 5.11 -7.24
C SER A 214 -7.85 3.65 -7.76
N ASP A 215 -8.82 3.45 -8.68
CA ASP A 215 -9.00 2.18 -9.38
C ASP A 215 -7.87 1.63 -10.24
N GLU A 216 -7.04 2.55 -10.75
CA GLU A 216 -5.84 2.21 -11.53
C GLU A 216 -4.76 1.70 -10.60
N LEU A 217 -4.55 2.46 -9.53
CA LEU A 217 -3.59 1.95 -8.45
C LEU A 217 -4.09 0.64 -7.91
N GLY A 218 -5.41 0.58 -7.62
CA GLY A 218 -5.95 -0.71 -7.12
C GLY A 218 -5.76 -1.92 -8.10
N ALA A 219 -5.99 -1.68 -9.38
CA ALA A 219 -5.83 -2.69 -10.36
C ALA A 219 -4.34 -3.14 -10.47
N THR A 220 -3.44 -2.19 -10.34
CA THR A 220 -1.99 -2.53 -10.30
C THR A 220 -1.60 -3.42 -9.17
N ILE A 221 -1.99 -3.03 -7.98
CA ILE A 221 -1.78 -3.85 -6.80
C ILE A 221 -2.44 -5.22 -6.92
N CYS A 222 -3.69 -5.28 -7.38
CA CYS A 222 -4.35 -6.51 -7.64
C CYS A 222 -3.62 -7.43 -8.65
N PHE A 223 -3.13 -6.81 -9.73
CA PHE A 223 -2.35 -7.57 -10.65
C PHE A 223 -1.11 -8.23 -9.92
N LEU A 224 -0.36 -7.51 -9.10
CA LEU A 224 0.81 -8.10 -8.45
C LEU A 224 0.41 -9.19 -7.45
N CYS A 225 -0.79 -9.10 -6.87
CA CYS A 225 -1.37 -10.19 -6.03
C CYS A 225 -1.79 -11.48 -6.78
N SER A 226 -1.94 -11.42 -8.11
CA SER A 226 -2.53 -12.49 -8.89
C SER A 226 -1.51 -13.55 -9.22
N ASP A 227 -2.05 -14.67 -9.63
CA ASP A 227 -1.20 -15.79 -10.09
C ASP A 227 -0.41 -15.46 -11.34
N GLY A 228 -0.97 -14.61 -12.21
CA GLY A 228 -0.31 -14.23 -13.40
C GLY A 228 0.96 -13.39 -13.16
N ALA A 229 1.12 -12.75 -11.99
CA ALA A 229 2.33 -12.01 -11.64
C ALA A 229 3.37 -12.80 -10.84
N GLY A 230 3.25 -14.11 -10.93
CA GLY A 230 4.11 -15.00 -10.12
C GLY A 230 5.58 -15.02 -10.50
N PHE A 231 5.97 -14.44 -11.62
CA PHE A 231 7.36 -14.42 -11.99
C PHE A 231 7.93 -12.97 -11.84
N ILE A 232 7.14 -12.05 -11.27
CA ILE A 232 7.60 -10.74 -11.00
C ILE A 232 7.95 -10.68 -9.51
N THR A 233 9.19 -10.34 -9.20
CA THR A 233 9.55 -10.15 -7.72
C THR A 233 10.73 -9.27 -7.62
N GLY A 234 10.83 -8.62 -6.47
CA GLY A 234 11.90 -7.74 -6.24
C GLY A 234 11.79 -6.40 -6.92
N HIS A 235 10.59 -6.04 -7.35
CA HIS A 235 10.47 -4.92 -8.22
C HIS A 235 9.69 -3.77 -7.56
N VAL A 236 10.10 -2.55 -7.90
CA VAL A 236 9.31 -1.34 -7.54
C VAL A 236 8.69 -0.76 -8.84
N LEU A 237 7.40 -0.98 -9.04
CA LEU A 237 6.65 -0.66 -10.25
C LEU A 237 6.13 0.78 -10.15
N PRO A 238 6.73 1.71 -10.92
CA PRO A 238 6.23 3.09 -10.96
C PRO A 238 4.84 3.25 -11.52
N HIS A 239 4.03 3.98 -10.79
CA HIS A 239 2.63 4.17 -11.12
C HIS A 239 2.30 5.64 -10.90
N ALA A 240 2.78 6.44 -11.87
CA ALA A 240 2.77 7.87 -11.77
C ALA A 240 2.60 8.56 -13.08
N GLY A 241 1.88 7.96 -14.04
CA GLY A 241 1.58 8.61 -15.26
C GLY A 241 2.76 8.97 -16.14
N GLY A 242 3.84 8.28 -15.96
CA GLY A 242 5.11 8.60 -16.65
C GLY A 242 6.09 9.58 -15.94
N TRP A 243 5.68 10.08 -14.78
CA TRP A 243 6.47 11.07 -14.05
C TRP A 243 7.79 10.42 -13.60
N ALA A 244 7.82 9.09 -13.37
CA ALA A 244 9.06 8.28 -13.15
C ALA A 244 8.96 6.88 -13.86
#